data_3PHU
#
_entry.id   3PHU
#
_cell.length_a   115.990
_cell.length_b   115.990
_cell.length_c   94.171
_cell.angle_alpha   90.00
_cell.angle_beta   90.00
_cell.angle_gamma   120.00
#
_symmetry.space_group_name_H-M   'P 32 2 1'
#
loop_
_entity.id
_entity.type
_entity.pdbx_description
1 polymer 'RNA-directed RNA polymerase L'
2 non-polymer GLYCEROL
3 water water
#
_entity_poly.entity_id   1
_entity_poly.type   'polypeptide(L)'
_entity_poly.pdbx_seq_one_letter_code
;GPMDFLRSLDWTQVIAGQYVSNPRFNISDYFEIVRQPGDGN(CSD)FYHSIAELTMPNKTDHSYHYIKRLTESAARKYYQ
EEPEARLVGLSLEDYLKRMLSDNEWGSTLEASMLAKEMGITIIIWTVAASDEVEAGIKFGDGDVFTAVNLLHSGQTHFDA
LRILPQFETDTREALSLMDRVIAVDQLTSSSSDELQDYEDLALALTSAEESNRRSSLDEVTLS
;
_entity_poly.pdbx_strand_id   A,B
#
loop_
_chem_comp.id
_chem_comp.type
_chem_comp.name
_chem_comp.formula
GOL non-polymer GLYCEROL 'C3 H8 O3'
#
# COMPACT_ATOMS: atom_id res chain seq x y z
N PRO A 2 17.25 19.37 17.63
CA PRO A 2 16.00 20.09 17.33
C PRO A 2 15.95 20.50 15.86
N MET A 3 16.58 21.65 15.58
CA MET A 3 16.93 22.04 14.22
C MET A 3 17.96 21.05 13.72
N ASP A 4 18.81 20.60 14.64
CA ASP A 4 19.82 19.61 14.31
C ASP A 4 19.10 18.39 13.85
N PHE A 5 18.06 18.02 14.60
CA PHE A 5 17.38 16.76 14.32
C PHE A 5 16.78 16.77 12.93
N LEU A 6 16.00 17.80 12.62
CA LEU A 6 15.41 17.86 11.30
C LEU A 6 16.49 17.87 10.21
N ARG A 7 17.64 18.49 10.50
CA ARG A 7 18.70 18.60 9.50
C ARG A 7 19.45 17.29 9.32
N SER A 8 19.31 16.39 10.29
CA SER A 8 20.03 15.13 10.26
C SER A 8 19.21 13.94 9.71
N LEU A 9 18.02 14.18 9.15
CA LEU A 9 17.23 13.07 8.57
C LEU A 9 18.02 12.33 7.51
N ASP A 10 18.02 11.01 7.62
CA ASP A 10 18.84 10.18 6.76
C ASP A 10 17.91 9.51 5.74
N TRP A 11 17.86 10.06 4.54
CA TRP A 11 17.04 9.51 3.45
C TRP A 11 17.82 8.54 2.58
N THR A 12 17.23 7.37 2.33
CA THR A 12 17.77 6.40 1.36
C THR A 12 16.93 6.38 0.07
N GLN A 13 17.56 6.66 -1.08
CA GLN A 13 16.87 6.57 -2.35
C GLN A 13 16.68 5.10 -2.71
N VAL A 14 15.45 4.68 -2.98
CA VAL A 14 15.18 3.28 -3.28
C VAL A 14 14.67 3.11 -4.69
N ILE A 15 14.10 4.18 -5.21
CA ILE A 15 13.52 4.20 -6.54
C ILE A 15 13.92 5.56 -7.02
N ALA A 16 14.02 5.75 -8.32
CA ALA A 16 14.61 6.99 -8.80
C ALA A 16 13.68 8.11 -8.33
N GLY A 17 14.25 9.10 -7.62
CA GLY A 17 13.51 10.27 -7.17
C GLY A 17 12.62 10.05 -5.96
N GLN A 18 12.78 8.90 -5.33
CA GLN A 18 11.91 8.52 -4.21
C GLN A 18 12.74 7.89 -3.09
N TYR A 19 12.66 8.44 -1.87
CA TYR A 19 13.46 8.02 -0.72
C TYR A 19 12.59 7.61 0.43
N VAL A 20 13.20 6.92 1.41
CA VAL A 20 12.52 6.53 2.62
C VAL A 20 13.43 6.80 3.80
N SER A 21 12.86 6.91 4.99
CA SER A 21 13.70 7.09 6.17
C SER A 21 12.92 6.48 7.30
N ASN A 22 13.58 6.20 8.40
CA ASN A 22 12.84 5.79 9.60
C ASN A 22 13.39 6.49 10.84
N PRO A 23 13.29 7.83 10.88
CA PRO A 23 13.72 8.55 12.09
C PRO A 23 12.69 8.16 13.12
N ARG A 24 12.92 8.43 14.38
CA ARG A 24 11.83 8.05 15.29
C ARG A 24 11.57 9.28 16.11
N PHE A 25 10.48 9.96 15.81
CA PHE A 25 10.19 11.22 16.49
C PHE A 25 8.69 11.38 16.49
N ASN A 26 8.18 12.27 17.33
CA ASN A 26 6.76 12.46 17.44
C ASN A 26 6.37 13.61 16.55
N ILE A 27 5.42 13.37 15.67
CA ILE A 27 4.86 14.43 14.81
C ILE A 27 4.68 15.73 15.58
N SER A 28 4.03 15.66 16.73
CA SER A 28 3.65 16.87 17.42
C SER A 28 4.83 17.64 18.02
N ASP A 29 6.03 17.04 18.06
CA ASP A 29 7.21 17.83 18.50
C ASP A 29 7.67 18.78 17.40
N TYR A 30 7.34 18.52 16.14
CA TYR A 30 7.90 19.34 15.07
C TYR A 30 6.85 19.96 14.19
N PHE A 31 5.63 19.46 14.24
CA PHE A 31 4.65 19.92 13.24
C PHE A 31 3.34 20.20 13.89
N GLU A 32 2.62 21.17 13.34
CA GLU A 32 1.20 21.29 13.62
C GLU A 32 0.45 20.41 12.62
N ILE A 33 -0.51 19.62 13.10
CA ILE A 33 -1.35 18.80 12.27
C ILE A 33 -2.56 19.63 11.90
N VAL A 34 -2.74 19.93 10.62
CA VAL A 34 -3.94 20.63 10.13
C VAL A 34 -4.96 19.59 9.63
N ARG A 35 -5.99 19.30 10.42
CA ARG A 35 -6.85 18.17 10.11
C ARG A 35 -7.66 18.37 8.84
N GLN A 36 -7.89 17.30 8.10
CA GLN A 36 -8.60 17.43 6.82
C GLN A 36 -9.81 16.51 6.91
N PRO A 37 -10.91 16.83 6.19
CA PRO A 37 -12.09 15.98 6.33
C PRO A 37 -11.79 14.61 5.76
N GLY A 38 -12.32 13.57 6.39
CA GLY A 38 -12.08 12.22 5.93
C GLY A 38 -13.12 11.83 4.90
N ASP A 39 -13.05 12.48 3.72
CA ASP A 39 -14.06 12.24 2.69
C ASP A 39 -13.48 11.50 1.46
N GLY A 40 -12.30 10.92 1.58
CA GLY A 40 -11.66 10.27 0.44
C GLY A 40 -10.87 11.23 -0.47
N ASN A 41 -11.00 12.54 -0.25
CA ASN A 41 -10.27 13.51 -1.04
C ASN A 41 -9.13 14.12 -0.23
N CSD A 42 -8.98 13.67 1.01
CA CSD A 42 -8.00 14.30 1.99
CB CSD A 42 -8.21 13.80 3.43
SG CSD A 42 -8.54 12.16 3.65
C CSD A 42 -6.56 14.30 1.58
O CSD A 42 -5.79 15.15 2.01
OD1 CSD A 42 -7.44 11.41 3.19
OD2 CSD A 42 -9.67 11.79 2.82
N PHE A 43 -6.16 13.39 0.69
CA PHE A 43 -4.82 13.53 0.11
C PHE A 43 -4.69 14.86 -0.58
N TYR A 44 -5.67 15.14 -1.44
CA TYR A 44 -5.61 16.37 -2.23
C TYR A 44 -6.03 17.60 -1.41
N HIS A 45 -6.97 17.43 -0.46
CA HIS A 45 -7.19 18.52 0.55
C HIS A 45 -5.91 18.93 1.26
N SER A 46 -5.14 17.92 1.71
CA SER A 46 -3.89 18.20 2.43
C SER A 46 -2.88 18.93 1.58
N ILE A 47 -2.70 18.48 0.35
CA ILE A 47 -1.81 19.24 -0.52
C ILE A 47 -2.33 20.70 -0.76
N ALA A 48 -3.64 20.86 -0.97
CA ALA A 48 -4.23 22.21 -1.20
C ALA A 48 -3.96 23.13 0.01
N GLU A 49 -4.21 22.57 1.19
CA GLU A 49 -3.98 23.24 2.45
C GLU A 49 -2.65 23.89 2.50
N LEU A 50 -1.68 23.19 1.95
CA LEU A 50 -0.34 23.66 2.08
C LEU A 50 0.18 24.40 0.86
N THR A 51 -0.48 24.35 -0.28
CA THR A 51 0.13 25.03 -1.41
C THR A 51 -0.73 26.23 -1.89
N MET A 52 -1.92 26.37 -1.34
CA MET A 52 -2.83 27.46 -1.68
C MET A 52 -3.16 28.24 -0.43
N PRO A 53 -2.55 29.43 -0.27
CA PRO A 53 -2.75 30.15 1.00
C PRO A 53 -4.21 30.53 1.32
N ASN A 54 -5.11 30.49 0.34
CA ASN A 54 -6.53 30.65 0.65
C ASN A 54 -7.41 29.42 0.48
N LYS A 55 -6.89 28.25 0.85
CA LYS A 55 -7.59 26.97 0.61
C LYS A 55 -9.00 26.89 1.20
N THR A 56 -9.93 26.35 0.43
CA THR A 56 -11.22 25.98 0.98
C THR A 56 -11.45 24.48 0.81
N ASP A 57 -12.64 24.04 1.19
CA ASP A 57 -13.07 22.69 1.02
C ASP A 57 -13.23 22.26 -0.42
N HIS A 58 -12.93 23.15 -1.37
CA HIS A 58 -13.11 22.83 -2.78
C HIS A 58 -11.84 22.91 -3.54
N SER A 59 -10.85 23.58 -2.96
CA SER A 59 -9.60 23.76 -3.64
C SER A 59 -8.92 22.47 -4.08
N TYR A 60 -9.28 21.33 -3.50
CA TYR A 60 -8.62 20.07 -3.87
C TYR A 60 -8.79 19.80 -5.38
N HIS A 61 -9.77 20.47 -5.96
CA HIS A 61 -10.11 20.28 -7.38
C HIS A 61 -8.93 20.73 -8.19
N TYR A 62 -8.27 21.77 -7.72
CA TYR A 62 -7.10 22.21 -8.46
C TYR A 62 -6.02 21.12 -8.39
N ILE A 63 -5.85 20.47 -7.24
CA ILE A 63 -4.76 19.49 -7.09
C ILE A 63 -5.08 18.24 -7.94
N LYS A 64 -6.33 17.82 -7.96
CA LYS A 64 -6.70 16.69 -8.78
C LYS A 64 -6.53 16.99 -10.27
N ARG A 65 -6.70 18.24 -10.64
CA ARG A 65 -6.60 18.62 -12.04
C ARG A 65 -5.17 18.69 -12.43
N LEU A 66 -4.33 19.13 -11.50
CA LEU A 66 -2.91 19.07 -11.74
C LEU A 66 -2.43 17.60 -11.76
N THR A 67 -3.19 16.73 -11.11
CA THR A 67 -2.79 15.31 -11.05
C THR A 67 -3.08 14.78 -12.43
N GLU A 68 -4.21 15.21 -13.04
CA GLU A 68 -4.56 14.84 -14.42
C GLU A 68 -3.52 15.32 -15.41
N SER A 69 -3.13 16.56 -15.25
CA SER A 69 -2.09 17.11 -16.07
C SER A 69 -0.80 16.28 -15.93
N ALA A 70 -0.42 15.99 -14.70
CA ALA A 70 0.83 15.28 -14.46
C ALA A 70 0.77 13.87 -15.10
N ALA A 71 -0.38 13.24 -14.98
CA ALA A 71 -0.56 11.89 -15.45
C ALA A 71 -0.33 11.84 -16.96
N ARG A 72 -0.95 12.76 -17.69
CA ARG A 72 -0.86 12.79 -19.15
C ARG A 72 0.59 12.90 -19.57
N LYS A 73 1.37 13.60 -18.76
CA LYS A 73 2.81 13.68 -19.01
C LYS A 73 3.65 12.47 -18.51
N TYR A 74 3.19 11.76 -17.47
CA TYR A 74 4.13 10.97 -16.65
C TYR A 74 3.70 9.56 -16.30
N TYR A 75 2.41 9.30 -16.38
CA TYR A 75 1.89 8.06 -15.88
C TYR A 75 2.53 6.90 -16.64
N GLN A 76 2.67 7.05 -17.95
CA GLN A 76 3.12 5.96 -18.78
C GLN A 76 4.49 5.52 -18.34
N GLU A 77 5.26 6.41 -17.72
CA GLU A 77 6.59 6.05 -17.26
C GLU A 77 6.77 5.88 -15.74
N GLU A 78 5.69 5.90 -14.99
CA GLU A 78 5.82 5.70 -13.54
C GLU A 78 5.90 4.19 -13.21
N PRO A 79 6.97 3.77 -12.52
CA PRO A 79 6.99 2.36 -12.08
C PRO A 79 5.67 1.92 -11.47
N GLU A 80 5.12 2.72 -10.55
CA GLU A 80 3.93 2.25 -9.84
C GLU A 80 2.75 2.14 -10.76
N ALA A 81 2.81 2.82 -11.91
CA ALA A 81 1.72 2.66 -12.87
C ALA A 81 1.65 1.21 -13.43
N ARG A 82 2.80 0.51 -13.47
CA ARG A 82 2.83 -0.92 -13.86
C ARG A 82 1.95 -1.77 -12.96
N LEU A 83 1.96 -1.48 -11.67
CA LEU A 83 1.07 -2.16 -10.74
C LEU A 83 -0.38 -1.74 -10.86
N VAL A 84 -0.62 -0.44 -10.99
CA VAL A 84 -1.99 0.06 -11.11
C VAL A 84 -2.63 -0.60 -12.31
N GLY A 85 -1.84 -0.69 -13.38
CA GLY A 85 -2.24 -1.47 -14.52
C GLY A 85 -3.24 -0.87 -15.49
N LEU A 86 -4.01 0.13 -15.10
CA LEU A 86 -5.03 0.65 -16.01
C LEU A 86 -4.41 1.43 -17.13
N SER A 87 -5.11 1.52 -18.27
CA SER A 87 -4.74 2.50 -19.27
C SER A 87 -4.81 3.87 -18.61
N LEU A 88 -4.08 4.83 -19.16
CA LEU A 88 -4.13 6.22 -18.71
C LEU A 88 -5.57 6.74 -18.68
N GLU A 89 -6.34 6.39 -19.69
CA GLU A 89 -7.70 6.87 -19.75
C GLU A 89 -8.58 6.26 -18.68
N ASP A 90 -8.42 4.96 -18.41
CA ASP A 90 -9.21 4.33 -17.36
C ASP A 90 -8.79 4.78 -15.95
N TYR A 91 -7.52 5.14 -15.81
CA TYR A 91 -6.96 5.66 -14.57
C TYR A 91 -7.49 7.07 -14.27
N LEU A 92 -7.40 7.96 -15.25
CA LEU A 92 -8.01 9.29 -15.10
C LEU A 92 -9.46 9.18 -14.65
N LYS A 93 -10.21 8.30 -15.29
CA LYS A 93 -11.61 8.16 -14.92
C LYS A 93 -11.74 7.86 -13.45
N ARG A 94 -10.94 6.90 -12.96
CA ARG A 94 -11.03 6.49 -11.56
C ARG A 94 -10.45 7.58 -10.63
N MET A 95 -9.32 8.15 -11.02
CA MET A 95 -8.63 9.11 -10.21
C MET A 95 -9.48 10.39 -10.03
N LEU A 96 -10.17 10.82 -11.09
CA LEU A 96 -11.01 12.01 -11.02
C LEU A 96 -12.40 11.78 -10.39
N SER A 97 -12.81 10.53 -10.24
CA SER A 97 -14.04 10.23 -9.49
C SER A 97 -13.99 10.85 -8.12
N ASP A 98 -15.14 11.20 -7.57
CA ASP A 98 -15.14 11.88 -6.28
C ASP A 98 -14.87 10.89 -5.17
N ASN A 99 -14.18 11.36 -4.13
CA ASN A 99 -13.85 10.54 -2.99
C ASN A 99 -12.90 9.36 -3.31
N GLU A 100 -12.20 9.44 -4.43
CA GLU A 100 -11.24 8.39 -4.78
C GLU A 100 -9.86 8.75 -4.24
N TRP A 101 -9.32 7.92 -3.35
CA TRP A 101 -8.09 8.30 -2.63
C TRP A 101 -6.91 8.57 -3.55
N GLY A 102 -6.12 9.57 -3.18
CA GLY A 102 -4.82 9.75 -3.81
C GLY A 102 -3.81 9.02 -2.94
N SER A 103 -2.68 8.62 -3.52
CA SER A 103 -1.75 7.72 -2.88
C SER A 103 -0.32 8.07 -3.33
N THR A 104 0.56 7.07 -3.34
CA THR A 104 1.99 7.30 -3.59
C THR A 104 2.20 7.57 -5.09
N LEU A 105 1.36 7.00 -5.93
CA LEU A 105 1.51 7.26 -7.35
C LEU A 105 1.19 8.75 -7.65
N GLU A 106 0.07 9.23 -7.14
CA GLU A 106 -0.28 10.64 -7.30
C GLU A 106 0.81 11.55 -6.73
N ALA A 107 1.35 11.21 -5.58
CA ALA A 107 2.43 11.99 -4.97
C ALA A 107 3.63 12.10 -5.87
N SER A 108 3.94 10.98 -6.51
CA SER A 108 5.12 10.90 -7.39
C SER A 108 4.95 11.79 -8.62
N MET A 109 3.80 11.69 -9.25
CA MET A 109 3.52 12.48 -10.44
C MET A 109 3.40 14.00 -10.11
N LEU A 110 2.68 14.31 -9.04
CA LEU A 110 2.48 15.70 -8.59
C LEU A 110 3.78 16.37 -8.25
N ALA A 111 4.67 15.65 -7.60
CA ALA A 111 5.92 16.27 -7.26
C ALA A 111 6.60 16.74 -8.54
N LYS A 112 6.47 15.97 -9.62
CA LYS A 112 7.10 16.29 -10.90
C LYS A 112 6.35 17.45 -11.61
N GLU A 113 5.02 17.33 -11.68
CA GLU A 113 4.19 18.35 -12.27
C GLU A 113 4.35 19.73 -11.62
N MET A 114 4.26 19.76 -10.30
CA MET A 114 4.33 21.00 -9.55
C MET A 114 5.73 21.43 -9.25
N GLY A 115 6.70 20.57 -9.56
CA GLY A 115 8.06 20.88 -9.17
C GLY A 115 8.23 21.13 -7.69
N ILE A 116 7.69 20.22 -6.88
CA ILE A 116 7.84 20.30 -5.41
C ILE A 116 8.36 18.96 -4.87
N THR A 117 8.75 18.96 -3.60
CA THR A 117 9.06 17.76 -2.89
C THR A 117 7.91 17.50 -1.91
N ILE A 118 7.30 16.32 -1.99
CA ILE A 118 6.24 15.90 -1.06
C ILE A 118 6.76 14.83 -0.11
N ILE A 119 6.60 14.98 1.20
CA ILE A 119 6.96 13.91 2.08
C ILE A 119 5.72 13.34 2.76
N ILE A 120 5.55 12.02 2.76
CA ILE A 120 4.45 11.39 3.50
C ILE A 120 5.02 10.71 4.71
N TRP A 121 4.54 11.14 5.88
CA TRP A 121 4.96 10.60 7.16
C TRP A 121 3.85 9.68 7.65
N THR A 122 4.16 8.41 7.95
CA THR A 122 3.13 7.47 8.33
C THR A 122 3.20 7.24 9.83
N VAL A 123 2.04 7.11 10.47
CA VAL A 123 1.97 6.84 11.90
C VAL A 123 0.87 5.79 12.10
N ALA A 124 0.90 5.08 13.22
CA ALA A 124 -0.07 4.00 13.48
C ALA A 124 -0.41 3.89 14.96
N ALA A 125 -1.41 4.60 15.45
CA ALA A 125 -1.81 4.45 16.86
C ALA A 125 -0.91 5.11 17.90
N SER A 126 -0.06 6.02 17.46
CA SER A 126 0.57 6.97 18.33
C SER A 126 0.98 8.01 17.29
N ASP A 127 1.58 9.12 17.68
CA ASP A 127 2.10 10.02 16.65
C ASP A 127 3.57 9.85 16.51
N GLU A 128 4.09 8.67 16.85
CA GLU A 128 5.48 8.44 16.53
C GLU A 128 5.57 7.97 15.11
N VAL A 129 6.43 8.58 14.34
CA VAL A 129 6.60 8.18 12.96
C VAL A 129 7.04 6.72 12.77
N GLU A 130 6.34 5.96 11.90
CA GLU A 130 6.76 4.62 11.47
C GLU A 130 7.76 4.75 10.34
N ALA A 131 7.49 5.63 9.37
CA ALA A 131 8.39 5.78 8.24
C ALA A 131 8.12 7.11 7.58
N GLY A 132 9.10 7.62 6.85
CA GLY A 132 8.89 8.74 5.94
C GLY A 132 9.13 8.32 4.51
N ILE A 133 8.32 8.86 3.61
CA ILE A 133 8.45 8.54 2.18
C ILE A 133 8.50 9.85 1.42
N LYS A 134 9.57 10.05 0.68
CA LYS A 134 9.82 11.34 0.07
C LYS A 134 9.86 11.28 -1.44
N PHE A 135 9.00 12.06 -2.07
CA PHE A 135 8.99 12.20 -3.49
C PHE A 135 9.59 13.54 -3.88
N GLY A 136 10.70 13.54 -4.60
CA GLY A 136 11.43 14.78 -4.87
C GLY A 136 12.75 14.87 -4.10
N ASP A 137 13.65 15.76 -4.51
CA ASP A 137 14.98 15.82 -3.86
C ASP A 137 15.18 16.94 -2.81
N GLY A 138 14.13 17.72 -2.53
CA GLY A 138 14.21 18.75 -1.49
C GLY A 138 14.25 18.15 -0.10
N ASP A 139 14.43 19.00 0.90
CA ASP A 139 14.50 18.54 2.29
C ASP A 139 13.19 18.86 3.02
N VAL A 140 13.13 18.48 4.29
CA VAL A 140 11.91 18.59 5.06
C VAL A 140 11.41 20.06 5.20
N PHE A 141 12.35 21.01 5.27
CA PHE A 141 11.97 22.42 5.49
C PHE A 141 11.30 23.03 4.28
N THR A 142 11.56 22.50 3.10
CA THR A 142 10.88 23.04 1.92
C THR A 142 9.74 22.15 1.41
N ALA A 143 9.61 20.94 1.94
CA ALA A 143 8.62 19.97 1.42
C ALA A 143 7.18 20.30 1.78
N VAL A 144 6.26 19.83 0.95
CA VAL A 144 4.91 19.59 1.37
C VAL A 144 4.86 18.30 2.25
N ASN A 145 4.64 18.45 3.56
CA ASN A 145 4.58 17.35 4.51
C ASN A 145 3.17 16.91 4.81
N LEU A 146 2.87 15.64 4.53
CA LEU A 146 1.58 15.06 4.84
C LEU A 146 1.70 14.01 5.90
N LEU A 147 0.60 13.83 6.62
CA LEU A 147 0.49 12.81 7.63
C LEU A 147 -0.47 11.80 7.14
N HIS A 148 -0.05 10.55 7.13
CA HIS A 148 -0.96 9.46 6.76
C HIS A 148 -1.18 8.60 7.98
N SER A 149 -2.44 8.37 8.32
CA SER A 149 -2.78 7.58 9.50
C SER A 149 -4.00 6.75 9.21
N GLY A 150 -4.33 5.85 10.12
CA GLY A 150 -5.28 4.81 9.78
C GLY A 150 -4.78 4.07 8.54
N GLN A 151 -5.71 3.67 7.71
CA GLN A 151 -5.27 2.96 6.52
C GLN A 151 -5.27 3.93 5.37
N THR A 152 -5.92 5.07 5.60
CA THR A 152 -6.64 5.75 4.56
C THR A 152 -6.49 7.28 4.58
N HIS A 153 -6.24 7.84 5.76
CA HIS A 153 -6.46 9.26 5.97
C HIS A 153 -5.20 10.10 5.84
N PHE A 154 -5.29 11.23 5.13
CA PHE A 154 -4.20 12.20 5.06
C PHE A 154 -4.54 13.51 5.78
N ASP A 155 -3.57 14.11 6.47
CA ASP A 155 -3.72 15.46 7.00
C ASP A 155 -2.53 16.19 6.57
N ALA A 156 -2.58 17.51 6.71
CA ALA A 156 -1.48 18.36 6.34
C ALA A 156 -0.63 18.59 7.59
N LEU A 157 0.66 18.79 7.41
CA LEU A 157 1.54 19.12 8.53
C LEU A 157 2.23 20.44 8.20
N ARG A 158 2.27 21.36 9.16
CA ARG A 158 3.09 22.56 9.01
C ARG A 158 4.17 22.55 10.04
N ILE A 159 5.39 22.81 9.61
CA ILE A 159 6.48 22.84 10.56
C ILE A 159 6.21 23.91 11.61
N LEU A 160 6.53 23.63 12.86
CA LEU A 160 6.25 24.61 13.90
C LEU A 160 7.14 25.84 13.67
N PRO A 161 6.64 27.03 14.00
CA PRO A 161 7.30 28.32 13.74
C PRO A 161 8.75 28.33 14.25
N GLN A 162 8.94 27.79 15.43
CA GLN A 162 10.29 27.63 15.94
C GLN A 162 11.29 26.98 14.99
N PHE A 163 10.84 26.10 14.10
CA PHE A 163 11.78 25.42 13.19
C PHE A 163 11.63 25.83 11.73
N GLU A 164 10.56 26.55 11.41
CA GLU A 164 10.31 26.87 10.02
C GLU A 164 11.38 27.80 9.51
N THR A 165 11.83 27.54 8.29
CA THR A 165 12.86 28.36 7.69
C THR A 165 12.33 28.93 6.40
N ASP A 166 12.31 28.09 5.39
CA ASP A 166 12.15 28.58 4.04
C ASP A 166 10.82 29.19 3.70
N THR A 167 10.86 30.07 2.72
CA THR A 167 9.67 30.39 1.96
C THR A 167 9.04 29.07 1.57
N ARG A 168 7.77 29.15 1.23
CA ARG A 168 6.90 28.01 1.18
C ARG A 168 6.57 27.69 -0.29
N GLU A 169 6.25 26.43 -0.57
CA GLU A 169 5.79 26.02 -1.91
C GLU A 169 4.40 26.58 -2.19
N ALA A 170 4.14 26.98 -3.44
CA ALA A 170 2.90 27.65 -3.75
C ALA A 170 2.42 27.38 -5.18
N LEU A 171 1.20 26.86 -5.28
CA LEU A 171 0.47 26.83 -6.53
C LEU A 171 0.69 28.18 -7.21
N SER A 172 1.27 28.13 -8.41
CA SER A 172 1.47 29.33 -9.20
C SER A 172 0.21 29.68 -9.95
N LEU A 173 0.21 30.87 -10.52
CA LEU A 173 -0.91 31.30 -11.33
C LEU A 173 -0.94 30.42 -12.58
N MET A 174 0.23 30.13 -13.13
CA MET A 174 0.27 29.21 -14.26
C MET A 174 -0.33 27.84 -13.91
N ASP A 175 -0.12 27.41 -12.66
CA ASP A 175 -0.69 26.15 -12.21
C ASP A 175 -2.21 26.17 -12.30
N ARG A 176 -2.81 27.30 -11.90
CA ARG A 176 -4.28 27.39 -11.94
C ARG A 176 -4.77 27.37 -13.38
N VAL A 177 -4.00 27.99 -14.26
CA VAL A 177 -4.33 27.95 -15.67
C VAL A 177 -4.26 26.51 -16.20
N ILE A 178 -3.12 25.87 -15.94
CA ILE A 178 -2.99 24.44 -16.30
C ILE A 178 -4.14 23.64 -15.75
N ALA A 179 -4.46 23.86 -14.47
CA ALA A 179 -5.57 23.12 -13.88
C ALA A 179 -6.87 23.35 -14.62
N VAL A 180 -7.11 24.61 -15.02
CA VAL A 180 -8.40 24.90 -15.66
C VAL A 180 -8.46 24.34 -17.07
N ASP A 181 -7.35 24.44 -17.78
CA ASP A 181 -7.19 23.75 -19.06
C ASP A 181 -7.64 22.28 -19.07
N GLN A 182 -7.25 21.51 -18.05
CA GLN A 182 -7.63 20.09 -18.03
C GLN A 182 -9.12 19.97 -17.99
N LEU A 183 -9.72 20.92 -17.29
CA LEU A 183 -11.15 20.85 -17.01
C LEU A 183 -11.98 20.92 -18.29
N THR A 184 -11.55 21.82 -19.16
CA THR A 184 -12.34 22.21 -20.31
C THR A 184 -12.15 21.15 -21.40
N SER A 185 -11.00 20.49 -21.35
CA SER A 185 -10.71 19.34 -22.21
C SER A 185 -11.23 18.04 -21.60
N PHE B 5 -18.80 -20.86 17.43
CA PHE B 5 -17.83 -21.95 17.51
C PHE B 5 -16.42 -21.39 17.44
N LEU B 6 -16.29 -20.27 16.73
CA LEU B 6 -14.98 -19.66 16.46
C LEU B 6 -14.19 -19.37 17.73
N ARG B 7 -14.92 -19.11 18.82
CA ARG B 7 -14.34 -18.81 20.11
C ARG B 7 -13.20 -19.78 20.44
N SER B 8 -13.50 -21.07 20.38
CA SER B 8 -12.61 -22.09 20.93
C SER B 8 -12.08 -23.10 19.90
N LEU B 9 -11.40 -22.63 18.86
CA LEU B 9 -10.94 -23.54 17.81
C LEU B 9 -9.64 -24.27 18.12
N ASP B 10 -9.65 -25.57 17.82
CA ASP B 10 -8.54 -26.45 18.15
C ASP B 10 -7.52 -26.50 17.01
N TRP B 11 -6.55 -25.59 17.11
CA TRP B 11 -5.52 -25.44 16.10
C TRP B 11 -4.33 -26.33 16.42
N THR B 12 -4.03 -27.23 15.50
CA THR B 12 -2.88 -28.11 15.65
C THR B 12 -1.67 -27.56 14.92
N GLN B 13 -0.69 -27.13 15.70
CA GLN B 13 0.59 -26.71 15.15
C GLN B 13 1.21 -27.88 14.41
N VAL B 14 1.49 -27.69 13.11
CA VAL B 14 2.21 -28.72 12.37
C VAL B 14 3.69 -28.34 12.33
N ILE B 15 3.96 -27.07 12.08
CA ILE B 15 5.30 -26.52 12.21
C ILE B 15 5.15 -25.11 12.78
N ALA B 16 6.25 -24.56 13.29
CA ALA B 16 6.26 -23.21 13.82
C ALA B 16 5.39 -22.25 13.02
N GLY B 17 4.35 -21.70 13.64
CA GLY B 17 3.59 -20.62 13.04
C GLY B 17 2.67 -21.11 11.93
N GLN B 18 2.47 -22.41 11.91
CA GLN B 18 1.58 -23.04 10.94
C GLN B 18 0.72 -24.11 11.61
N TYR B 19 -0.57 -24.10 11.32
CA TYR B 19 -1.54 -24.81 12.13
C TYR B 19 -2.64 -25.31 11.24
N VAL B 20 -3.17 -26.47 11.59
CA VAL B 20 -4.32 -26.98 10.87
C VAL B 20 -5.41 -27.39 11.86
N SER B 21 -6.65 -27.39 11.40
CA SER B 21 -7.79 -27.76 12.22
C SER B 21 -8.79 -28.44 11.32
N ASN B 22 -9.77 -29.12 11.91
CA ASN B 22 -10.76 -29.87 11.13
C ASN B 22 -12.19 -29.72 11.60
N PRO B 23 -12.54 -28.52 12.08
CA PRO B 23 -13.83 -28.31 12.74
C PRO B 23 -14.97 -28.27 11.75
N ARG B 24 -16.20 -28.24 12.27
CA ARG B 24 -17.39 -28.30 11.44
C ARG B 24 -18.18 -27.01 11.60
N PHE B 25 -18.57 -26.44 10.46
CA PHE B 25 -19.54 -25.36 10.40
C PHE B 25 -19.79 -25.00 8.95
N ASN B 26 -20.82 -24.23 8.73
CA ASN B 26 -21.14 -23.83 7.37
C ASN B 26 -20.44 -22.51 7.08
N ILE B 27 -20.01 -22.34 5.83
CA ILE B 27 -19.31 -21.13 5.44
C ILE B 27 -20.16 -19.89 5.67
N SER B 28 -21.33 -19.88 5.03
CA SER B 28 -22.25 -18.76 5.12
C SER B 28 -22.69 -18.48 6.57
N ASP B 29 -22.27 -19.34 7.49
CA ASP B 29 -22.48 -19.10 8.91
C ASP B 29 -21.77 -17.82 9.36
N TYR B 30 -20.44 -17.75 9.16
CA TYR B 30 -19.70 -16.56 9.61
C TYR B 30 -19.03 -15.73 8.49
N PHE B 31 -19.33 -16.03 7.23
CA PHE B 31 -18.57 -15.36 6.17
C PHE B 31 -19.42 -14.93 4.98
N GLU B 32 -19.20 -13.70 4.54
CA GLU B 32 -19.69 -13.29 3.23
C GLU B 32 -18.59 -13.60 2.25
N ILE B 33 -18.89 -14.43 1.25
CA ILE B 33 -17.82 -14.83 0.36
C ILE B 33 -17.79 -13.93 -0.87
N VAL B 34 -16.59 -13.43 -1.17
CA VAL B 34 -16.43 -12.50 -2.28
C VAL B 34 -15.68 -13.19 -3.40
N ARG B 35 -16.37 -13.35 -4.53
CA ARG B 35 -15.86 -14.18 -5.61
C ARG B 35 -14.83 -13.42 -6.40
N GLN B 36 -13.83 -14.17 -6.91
CA GLN B 36 -12.77 -13.62 -7.76
C GLN B 36 -12.77 -14.36 -9.08
N PRO B 37 -12.32 -13.70 -10.14
CA PRO B 37 -12.22 -14.37 -11.45
C PRO B 37 -11.24 -15.55 -11.41
N GLY B 38 -11.58 -16.62 -12.12
CA GLY B 38 -10.72 -17.81 -12.17
C GLY B 38 -9.65 -17.67 -13.24
N ASP B 39 -8.85 -16.61 -13.17
CA ASP B 39 -7.78 -16.42 -14.14
C ASP B 39 -6.52 -17.15 -13.68
N GLY B 40 -6.60 -17.80 -12.51
CA GLY B 40 -5.44 -18.41 -11.89
C GLY B 40 -4.63 -17.48 -10.98
N ASN B 41 -4.98 -16.18 -10.97
CA ASN B 41 -4.29 -15.21 -10.12
C ASN B 41 -5.08 -14.97 -8.84
N CSD B 42 -6.12 -15.77 -8.64
CA CSD B 42 -7.18 -15.52 -7.59
CB CSD B 42 -8.41 -16.41 -7.84
SG CSD B 42 -7.84 -17.79 -8.57
C CSD B 42 -6.74 -15.71 -6.17
O CSD B 42 -7.41 -15.21 -5.26
OD1 CSD B 42 -8.20 -17.72 -9.96
OD2 CSD B 42 -8.32 -18.93 -7.86
N PHE B 43 -5.66 -16.45 -5.94
CA PHE B 43 -5.08 -16.44 -4.59
C PHE B 43 -4.72 -14.98 -4.28
N TYR B 44 -4.08 -14.36 -5.26
CA TYR B 44 -3.61 -12.99 -5.12
C TYR B 44 -4.81 -12.02 -5.14
N HIS B 45 -5.79 -12.22 -6.04
CA HIS B 45 -7.03 -11.38 -6.03
C HIS B 45 -7.71 -11.42 -4.67
N SER B 46 -7.81 -12.61 -4.12
CA SER B 46 -8.52 -12.81 -2.88
C SER B 46 -7.82 -12.08 -1.77
N ILE B 47 -6.49 -12.09 -1.80
CA ILE B 47 -5.75 -11.40 -0.76
C ILE B 47 -5.84 -9.84 -0.94
N ALA B 48 -5.79 -9.38 -2.18
CA ALA B 48 -6.00 -7.97 -2.48
C ALA B 48 -7.36 -7.48 -1.94
N GLU B 49 -8.42 -8.10 -2.44
CA GLU B 49 -9.77 -7.86 -1.97
C GLU B 49 -9.85 -7.63 -0.47
N LEU B 50 -9.10 -8.37 0.31
CA LEU B 50 -9.25 -8.23 1.75
C LEU B 50 -8.24 -7.29 2.39
N THR B 51 -7.38 -6.67 1.59
CA THR B 51 -6.28 -5.89 2.16
C THR B 51 -6.13 -4.52 1.44
N MET B 52 -6.93 -4.34 0.41
CA MET B 52 -6.94 -3.14 -0.41
C MET B 52 -8.35 -2.59 -0.68
N PRO B 53 -8.75 -1.57 0.10
CA PRO B 53 -10.07 -0.93 0.03
C PRO B 53 -10.48 -0.61 -1.40
N ASN B 54 -9.53 -0.18 -2.22
CA ASN B 54 -9.89 0.09 -3.62
C ASN B 54 -9.44 -0.97 -4.61
N LYS B 55 -9.39 -2.20 -4.13
CA LYS B 55 -9.04 -3.34 -4.97
C LYS B 55 -9.69 -3.23 -6.34
N THR B 56 -8.86 -3.25 -7.38
CA THR B 56 -9.37 -3.50 -8.73
C THR B 56 -8.93 -4.89 -9.22
N ASP B 57 -9.13 -5.17 -10.50
CA ASP B 57 -8.69 -6.40 -11.12
C ASP B 57 -7.18 -6.41 -11.40
N HIS B 58 -6.46 -5.35 -11.03
CA HIS B 58 -5.02 -5.32 -11.24
C HIS B 58 -4.27 -5.26 -9.94
N SER B 59 -5.02 -5.06 -8.86
CA SER B 59 -4.42 -4.90 -7.55
C SER B 59 -3.57 -6.09 -7.12
N TYR B 60 -3.87 -7.28 -7.62
CA TYR B 60 -3.10 -8.48 -7.27
C TYR B 60 -1.61 -8.30 -7.63
N HIS B 61 -1.33 -7.49 -8.65
CA HIS B 61 0.10 -7.22 -8.90
C HIS B 61 0.84 -6.77 -7.63
N TYR B 62 0.15 -6.06 -6.75
CA TYR B 62 0.85 -5.59 -5.55
C TYR B 62 1.18 -6.80 -4.65
N ILE B 63 0.21 -7.69 -4.45
CA ILE B 63 0.43 -8.88 -3.62
C ILE B 63 1.54 -9.78 -4.22
N LYS B 64 1.57 -9.90 -5.55
CA LYS B 64 2.60 -10.72 -6.18
C LYS B 64 3.97 -10.14 -5.96
N ARG B 65 4.11 -8.82 -6.06
CA ARG B 65 5.41 -8.17 -5.78
C ARG B 65 5.75 -8.24 -4.30
N LEU B 66 4.76 -8.21 -3.43
CA LEU B 66 5.10 -8.46 -2.01
C LEU B 66 5.50 -9.93 -1.75
N THR B 67 4.96 -10.86 -2.54
CA THR B 67 5.36 -12.28 -2.44
C THR B 67 6.78 -12.38 -2.88
N GLU B 68 7.11 -11.61 -3.93
CA GLU B 68 8.49 -11.54 -4.38
C GLU B 68 9.40 -11.01 -3.31
N SER B 69 9.00 -9.91 -2.67
CA SER B 69 9.80 -9.39 -1.56
C SER B 69 9.92 -10.43 -0.45
N ALA B 70 8.80 -11.02 -0.09
CA ALA B 70 8.83 -12.09 0.92
C ALA B 70 9.82 -13.22 0.55
N ALA B 71 9.76 -13.69 -0.69
CA ALA B 71 10.67 -14.79 -1.14
C ALA B 71 12.14 -14.44 -0.99
N ARG B 72 12.55 -13.24 -1.44
CA ARG B 72 13.96 -12.85 -1.33
C ARG B 72 14.46 -12.90 0.11
N LYS B 73 13.56 -12.73 1.07
CA LYS B 73 13.92 -12.79 2.48
C LYS B 73 13.73 -14.16 3.11
N TYR B 74 12.64 -14.84 2.77
CA TYR B 74 12.17 -16.01 3.50
C TYR B 74 12.29 -17.37 2.76
N TYR B 75 12.48 -17.36 1.45
CA TYR B 75 12.39 -18.59 0.65
C TYR B 75 13.38 -19.66 1.11
N GLN B 76 14.64 -19.31 1.20
CA GLN B 76 15.69 -20.23 1.54
C GLN B 76 15.50 -20.89 2.91
N GLU B 77 14.65 -20.34 3.76
CA GLU B 77 14.43 -20.99 5.04
C GLU B 77 13.04 -21.59 5.18
N GLU B 78 12.16 -21.38 4.21
CA GLU B 78 10.86 -22.03 4.29
C GLU B 78 11.03 -23.56 4.13
N PRO B 79 10.44 -24.34 5.05
CA PRO B 79 10.41 -25.81 4.95
C PRO B 79 9.88 -26.27 3.61
N GLU B 80 8.68 -25.82 3.21
CA GLU B 80 8.19 -26.11 1.86
C GLU B 80 9.17 -25.85 0.69
N ALA B 81 10.11 -24.93 0.84
CA ALA B 81 10.99 -24.68 -0.29
C ALA B 81 11.94 -25.86 -0.60
N ARG B 82 12.19 -26.71 0.39
CA ARG B 82 12.98 -27.92 0.20
C ARG B 82 12.31 -28.90 -0.76
N LEU B 83 11.00 -29.02 -0.64
CA LEU B 83 10.23 -29.78 -1.59
C LEU B 83 10.14 -29.09 -2.95
N VAL B 84 9.90 -27.77 -2.96
CA VAL B 84 9.72 -27.09 -4.22
C VAL B 84 10.99 -27.26 -5.01
N GLY B 85 12.11 -27.33 -4.30
CA GLY B 85 13.42 -27.54 -4.89
C GLY B 85 14.08 -26.45 -5.74
N LEU B 86 13.30 -25.57 -6.36
CA LEU B 86 13.92 -24.62 -7.27
C LEU B 86 14.86 -23.68 -6.53
N SER B 87 15.84 -23.10 -7.21
CA SER B 87 16.56 -21.96 -6.68
C SER B 87 15.57 -20.78 -6.56
N LEU B 88 15.90 -19.81 -5.72
CA LEU B 88 15.13 -18.56 -5.61
C LEU B 88 14.80 -17.94 -6.99
N GLU B 89 15.83 -17.75 -7.81
CA GLU B 89 15.66 -17.15 -9.15
C GLU B 89 14.65 -17.90 -9.98
N ASP B 90 14.75 -19.23 -9.97
CA ASP B 90 13.81 -20.02 -10.72
C ASP B 90 12.46 -20.00 -10.10
N TYR B 91 12.39 -20.03 -8.77
CA TYR B 91 11.06 -19.85 -8.15
C TYR B 91 10.41 -18.49 -8.60
N LEU B 92 11.22 -17.43 -8.66
CA LEU B 92 10.68 -16.09 -8.99
C LEU B 92 10.21 -16.00 -10.42
N LYS B 93 11.01 -16.55 -11.34
CA LYS B 93 10.63 -16.59 -12.76
C LYS B 93 9.27 -17.23 -12.94
N ARG B 94 9.02 -18.25 -12.14
CA ARG B 94 7.77 -18.97 -12.21
C ARG B 94 6.67 -18.21 -11.46
N MET B 95 6.95 -17.76 -10.25
CA MET B 95 5.92 -17.09 -9.46
C MET B 95 5.45 -15.82 -10.19
N LEU B 96 6.38 -15.05 -10.75
CA LEU B 96 5.98 -13.80 -11.41
C LEU B 96 5.20 -14.03 -12.68
N SER B 97 5.40 -15.16 -13.32
CA SER B 97 4.71 -15.33 -14.58
C SER B 97 3.18 -15.43 -14.36
N ASP B 98 2.43 -14.71 -15.19
CA ASP B 98 0.99 -14.51 -15.01
C ASP B 98 0.15 -15.80 -14.96
N ASN B 99 -0.93 -15.76 -14.20
CA ASN B 99 -1.85 -16.89 -14.08
C ASN B 99 -1.20 -18.08 -13.39
N GLU B 100 0.07 -17.92 -13.03
CA GLU B 100 0.75 -18.92 -12.20
C GLU B 100 0.18 -18.96 -10.76
N TRP B 101 -0.04 -20.16 -10.24
CA TRP B 101 -0.82 -20.36 -9.01
C TRP B 101 -0.11 -20.09 -7.69
N GLY B 102 -0.80 -19.36 -6.81
CA GLY B 102 -0.30 -19.11 -5.46
C GLY B 102 -0.86 -20.15 -4.49
N SER B 103 -0.11 -20.47 -3.45
CA SER B 103 -0.37 -21.67 -2.67
C SER B 103 0.09 -21.58 -1.21
N THR B 104 0.41 -22.71 -0.61
CA THR B 104 0.74 -22.73 0.80
C THR B 104 2.07 -22.06 1.06
N LEU B 105 3.00 -22.22 0.11
CA LEU B 105 4.30 -21.63 0.28
C LEU B 105 4.15 -20.05 0.23
N GLU B 106 3.44 -19.53 -0.74
CA GLU B 106 3.19 -18.09 -0.82
C GLU B 106 2.46 -17.58 0.43
N ALA B 107 1.37 -18.24 0.84
CA ALA B 107 0.72 -17.91 2.11
C ALA B 107 1.68 -17.86 3.27
N SER B 108 2.53 -18.87 3.38
CA SER B 108 3.46 -18.85 4.48
C SER B 108 4.38 -17.62 4.41
N MET B 109 4.91 -17.33 3.23
CA MET B 109 5.89 -16.24 3.09
C MET B 109 5.23 -14.83 3.26
N LEU B 110 4.03 -14.66 2.72
CA LEU B 110 3.25 -13.45 2.84
C LEU B 110 2.81 -13.20 4.26
N ALA B 111 2.44 -14.23 5.00
CA ALA B 111 2.06 -14.01 6.37
C ALA B 111 3.24 -13.35 7.04
N LYS B 112 4.43 -13.85 6.80
CA LYS B 112 5.61 -13.24 7.38
C LYS B 112 5.86 -11.81 6.87
N GLU B 113 5.68 -11.59 5.58
CA GLU B 113 6.07 -10.33 4.96
C GLU B 113 5.10 -9.19 5.36
N MET B 114 3.81 -9.45 5.23
CA MET B 114 2.81 -8.49 5.58
C MET B 114 2.52 -8.50 7.08
N GLY B 115 3.22 -9.34 7.81
CA GLY B 115 2.97 -9.47 9.23
C GLY B 115 1.52 -9.78 9.54
N ILE B 116 0.91 -10.66 8.78
CA ILE B 116 -0.49 -11.01 9.01
C ILE B 116 -0.72 -12.48 9.24
N THR B 117 -1.99 -12.85 9.24
CA THR B 117 -2.36 -14.22 9.44
C THR B 117 -3.30 -14.61 8.33
N ILE B 118 -2.93 -15.67 7.62
CA ILE B 118 -3.74 -16.16 6.52
C ILE B 118 -4.32 -17.51 6.90
N ILE B 119 -5.58 -17.67 6.58
CA ILE B 119 -6.23 -18.96 6.77
C ILE B 119 -6.83 -19.42 5.46
N ILE B 120 -6.51 -20.64 5.05
CA ILE B 120 -7.21 -21.21 3.90
C ILE B 120 -8.21 -22.26 4.37
N TRP B 121 -9.45 -22.12 3.94
CA TRP B 121 -10.51 -23.01 4.35
C TRP B 121 -10.93 -23.82 3.14
N THR B 122 -11.05 -25.13 3.35
CA THR B 122 -11.52 -26.01 2.30
C THR B 122 -12.90 -26.50 2.68
N VAL B 123 -13.80 -26.45 1.71
CA VAL B 123 -15.19 -26.79 1.93
C VAL B 123 -15.41 -28.32 2.00
N ASP B 127 -20.57 -27.38 1.11
CA ASP B 127 -20.66 -26.06 1.73
C ASP B 127 -20.17 -26.09 3.19
N GLU B 128 -19.95 -27.29 3.70
CA GLU B 128 -19.44 -27.48 5.04
C GLU B 128 -17.90 -27.44 5.04
N VAL B 129 -17.30 -27.21 6.20
CA VAL B 129 -15.85 -27.00 6.27
C VAL B 129 -15.04 -28.27 6.56
N GLU B 130 -14.25 -28.70 5.58
CA GLU B 130 -13.34 -29.84 5.75
C GLU B 130 -12.19 -29.50 6.71
N ALA B 131 -11.48 -28.42 6.43
CA ALA B 131 -10.38 -28.03 7.29
C ALA B 131 -9.96 -26.61 7.01
N GLY B 132 -9.03 -26.12 7.83
CA GLY B 132 -8.44 -24.82 7.65
C GLY B 132 -6.96 -24.92 7.91
N ILE B 133 -6.18 -24.19 7.11
CA ILE B 133 -4.74 -24.11 7.30
C ILE B 133 -4.42 -22.68 7.66
N LYS B 134 -3.61 -22.50 8.69
CA LYS B 134 -3.36 -21.17 9.21
C LYS B 134 -1.88 -20.82 9.18
N PHE B 135 -1.57 -19.71 8.54
CA PHE B 135 -0.22 -19.21 8.59
C PHE B 135 -0.23 -17.94 9.41
N GLY B 136 0.61 -17.94 10.43
CA GLY B 136 0.66 -16.85 11.40
C GLY B 136 -0.09 -17.24 12.66
N ASP B 137 0.39 -16.75 13.80
CA ASP B 137 -0.39 -16.82 15.02
C ASP B 137 -1.52 -15.83 14.84
N GLY B 138 -2.36 -15.69 15.83
CA GLY B 138 -3.46 -14.77 15.62
C GLY B 138 -4.63 -15.63 15.23
N ASP B 139 -5.80 -15.01 15.09
CA ASP B 139 -6.99 -15.81 15.10
C ASP B 139 -7.90 -15.43 13.97
N VAL B 140 -8.94 -16.24 13.82
CA VAL B 140 -9.72 -16.21 12.62
C VAL B 140 -10.37 -14.85 12.40
N PHE B 141 -10.44 -14.07 13.47
CA PHE B 141 -11.10 -12.77 13.41
C PHE B 141 -10.25 -11.70 12.76
N THR B 142 -8.99 -11.61 13.20
CA THR B 142 -8.01 -10.75 12.54
C THR B 142 -7.59 -11.26 11.15
N ALA B 143 -7.67 -12.58 10.95
CA ALA B 143 -7.07 -13.23 9.78
C ALA B 143 -7.60 -12.76 8.42
N VAL B 144 -6.75 -12.94 7.40
CA VAL B 144 -7.19 -12.90 6.02
C VAL B 144 -7.65 -14.34 5.72
N ASN B 145 -8.94 -14.50 5.49
CA ASN B 145 -9.55 -15.80 5.34
C ASN B 145 -9.84 -16.04 3.88
N LEU B 146 -9.23 -17.08 3.35
CA LEU B 146 -9.39 -17.43 1.95
C LEU B 146 -10.21 -18.69 1.85
N LEU B 147 -10.91 -18.85 0.72
CA LEU B 147 -11.72 -20.02 0.49
C LEU B 147 -11.22 -20.73 -0.75
N HIS B 148 -10.74 -21.96 -0.56
CA HIS B 148 -10.15 -22.74 -1.63
C HIS B 148 -11.10 -23.82 -2.10
N SER B 149 -11.36 -23.85 -3.40
CA SER B 149 -12.33 -24.78 -3.90
C SER B 149 -11.88 -25.39 -5.22
N GLY B 150 -12.25 -26.64 -5.44
CA GLY B 150 -11.87 -27.33 -6.66
C GLY B 150 -10.37 -27.59 -6.78
N GLN B 151 -9.66 -27.47 -5.66
CA GLN B 151 -8.20 -27.58 -5.63
C GLN B 151 -7.53 -26.67 -6.66
N THR B 152 -8.24 -25.63 -7.10
CA THR B 152 -7.72 -24.80 -8.18
C THR B 152 -7.96 -23.28 -8.02
N HIS B 153 -8.90 -22.91 -7.16
CA HIS B 153 -9.53 -21.59 -7.20
C HIS B 153 -9.71 -21.02 -5.79
N PHE B 154 -9.40 -19.74 -5.64
CA PHE B 154 -9.54 -19.06 -4.35
C PHE B 154 -10.56 -17.94 -4.44
N ASP B 155 -11.22 -17.72 -3.31
CA ASP B 155 -12.17 -16.63 -3.17
C ASP B 155 -11.91 -16.03 -1.82
N ALA B 156 -12.29 -14.77 -1.65
CA ALA B 156 -12.10 -14.08 -0.38
C ALA B 156 -13.28 -14.32 0.57
N LEU B 157 -12.96 -14.55 1.84
CA LEU B 157 -13.98 -14.60 2.87
C LEU B 157 -13.94 -13.35 3.74
N ARG B 158 -14.97 -12.52 3.57
CA ARG B 158 -15.17 -11.34 4.41
C ARG B 158 -16.02 -11.71 5.62
N ILE B 159 -15.47 -11.48 6.81
CA ILE B 159 -16.22 -11.74 8.05
C ILE B 159 -17.53 -10.93 8.07
N LEU B 160 -18.61 -11.55 8.54
CA LEU B 160 -19.93 -10.88 8.60
C LEU B 160 -19.98 -9.77 9.64
N PRO B 161 -20.73 -8.68 9.33
CA PRO B 161 -20.74 -7.42 10.09
C PRO B 161 -20.79 -7.58 11.59
N GLN B 162 -21.43 -8.64 12.08
CA GLN B 162 -21.55 -8.89 13.51
C GLN B 162 -20.24 -8.75 14.28
N PHE B 163 -19.12 -8.85 13.57
CA PHE B 163 -17.79 -8.88 14.18
C PHE B 163 -16.80 -8.00 13.41
N GLU B 164 -15.72 -7.56 14.05
CA GLU B 164 -14.77 -6.65 13.39
C GLU B 164 -13.50 -6.31 14.20
N THR B 165 -12.67 -5.44 13.60
CA THR B 165 -11.45 -4.88 14.21
C THR B 165 -10.49 -4.32 13.15
N GLU B 169 -7.08 -4.68 9.27
CA GLU B 169 -5.75 -4.23 8.80
C GLU B 169 -5.54 -4.40 7.28
N ALA B 170 -4.58 -3.67 6.74
CA ALA B 170 -4.50 -3.48 5.30
C ALA B 170 -3.06 -3.31 4.79
N LEU B 171 -2.96 -3.28 3.47
CA LEU B 171 -1.71 -2.94 2.79
C LEU B 171 -1.35 -1.47 3.04
N SER B 172 -0.16 -1.25 3.59
CA SER B 172 0.30 0.09 3.94
C SER B 172 0.89 0.86 2.75
N LEU B 173 1.20 2.15 2.96
CA LEU B 173 1.83 2.90 1.89
C LEU B 173 3.20 2.33 1.75
N MET B 174 3.79 1.89 2.86
CA MET B 174 5.16 1.40 2.75
C MET B 174 5.17 0.07 1.96
N ASP B 175 4.10 -0.71 2.08
CA ASP B 175 3.97 -1.97 1.33
C ASP B 175 4.00 -1.65 -0.15
N ARG B 176 3.33 -0.56 -0.52
CA ARG B 176 3.35 -0.07 -1.88
C ARG B 176 4.75 0.30 -2.33
N VAL B 177 5.52 0.90 -1.43
CA VAL B 177 6.87 1.27 -1.79
C VAL B 177 7.71 -0.01 -1.96
N ILE B 178 7.49 -0.99 -1.07
CA ILE B 178 8.21 -2.26 -1.12
C ILE B 178 7.94 -3.01 -2.43
N ALA B 179 6.68 -3.01 -2.84
CA ALA B 179 6.29 -3.54 -4.13
C ALA B 179 6.97 -2.90 -5.31
N VAL B 180 6.99 -1.56 -5.31
CA VAL B 180 7.61 -0.84 -6.42
C VAL B 180 9.12 -1.05 -6.43
N ASP B 181 9.69 -1.12 -5.26
CA ASP B 181 11.08 -1.43 -5.14
C ASP B 181 11.41 -2.84 -5.77
N GLN B 182 10.50 -3.81 -5.68
CA GLN B 182 10.76 -5.15 -6.27
C GLN B 182 10.78 -5.05 -7.77
N LEU B 183 9.84 -4.30 -8.31
CA LEU B 183 9.69 -4.28 -9.75
C LEU B 183 10.69 -3.38 -10.45
N THR B 184 11.49 -2.65 -9.71
CA THR B 184 12.46 -1.81 -10.39
C THR B 184 13.79 -2.33 -10.07
N SER B 185 14.74 -2.03 -10.95
CA SER B 185 16.09 -2.54 -10.75
C SER B 185 16.86 -1.51 -9.94
N SER B 186 17.63 -2.01 -8.96
CA SER B 186 18.53 -1.19 -8.17
C SER B 186 19.97 -1.45 -8.61
N SER B 187 20.16 -1.89 -9.85
CA SER B 187 21.51 -2.15 -10.33
C SER B 187 22.28 -0.83 -10.34
N SER B 188 21.55 0.28 -10.43
CA SER B 188 22.18 1.58 -10.27
C SER B 188 22.87 1.76 -8.89
N ASP B 189 23.99 2.46 -8.89
CA ASP B 189 24.70 2.76 -7.64
C ASP B 189 23.94 3.80 -6.80
N GLU B 190 23.17 4.65 -7.47
CA GLU B 190 22.36 5.68 -6.79
C GLU B 190 21.12 5.11 -6.07
N LEU B 191 20.84 3.81 -6.26
CA LEU B 191 19.59 3.20 -5.77
C LEU B 191 19.84 2.03 -4.83
N GLN B 192 19.10 1.99 -3.74
CA GLN B 192 19.27 0.90 -2.80
C GLN B 192 18.07 -0.04 -2.84
N ASP B 193 18.32 -1.28 -2.48
CA ASP B 193 17.24 -2.19 -2.19
C ASP B 193 16.70 -1.84 -0.82
N TYR B 194 15.38 -1.71 -0.75
CA TYR B 194 14.72 -1.41 0.49
C TYR B 194 15.16 -2.39 1.61
N GLU B 195 15.22 -3.69 1.31
CA GLU B 195 15.68 -4.67 2.30
C GLU B 195 17.14 -4.39 2.71
N ASP B 196 17.92 -3.87 1.76
CA ASP B 196 19.34 -3.51 1.91
C ASP B 196 20.29 -4.59 1.38
C1 GOL C . -2.25 11.77 16.80
O1 GOL C . -1.50 11.70 15.57
C2 GOL C . -2.99 10.47 16.58
O2 GOL C . -2.69 10.10 15.21
C3 GOL C . -2.43 9.45 17.56
O3 GOL C . -3.09 8.22 17.32
#